data_9GLQ
#
_entry.id   9GLQ
#
_cell.length_a   62.763
_cell.length_b   94.816
_cell.length_c   96.433
_cell.angle_alpha   90.00
_cell.angle_beta   90.00
_cell.angle_gamma   90.00
#
_symmetry.space_group_name_H-M   'I 2 2 2'
#
loop_
_entity.id
_entity.type
_entity.pdbx_description
1 polymer 'Tumor protein p73'
2 polymer 'Darpins 1800'
3 non-polymer 'COBALT (II) ION'
4 non-polymer GLYCEROL
5 water water
#
loop_
_entity_poly.entity_id
_entity_poly.type
_entity_poly.pdbx_seq_one_letter_code
_entity_poly.pdbx_strand_id
1 'polypeptide(L)' GSDEDTYYLQVRGRKNFEILMKLKESLELMELVPQPLVDSYRQQQQLLQR A,B
2 'polypeptide(L)'
;GSDLGKKLLEAAAVGQDDEVRILMANGADVNAMDQNGETPLHLAAMNGHLEIVEVLLKTGADVNASDFHGDTPLHLAAMA
GHLEIVEVLLKHGADVNAQDTWGYIPFDLAAWAGNEDIAEVLQKAA
;
C
#
loop_
_chem_comp.id
_chem_comp.type
_chem_comp.name
_chem_comp.formula
CO non-polymer 'COBALT (II) ION' 'Co 2'
GOL non-polymer GLYCEROL 'C3 H8 O3'
#
# COMPACT_ATOMS: atom_id res chain seq x y z
N GLU A 4 15.69 -10.31 -12.47
CA GLU A 4 15.68 -9.57 -13.77
C GLU A 4 15.92 -10.55 -14.94
N ASP A 5 15.84 -11.87 -14.67
CA ASP A 5 16.18 -12.94 -15.64
C ASP A 5 14.92 -13.25 -16.48
N THR A 6 15.10 -13.54 -17.76
CA THR A 6 14.04 -13.58 -18.80
C THR A 6 13.77 -15.02 -19.21
N TYR A 7 12.50 -15.44 -19.14
CA TYR A 7 12.06 -16.81 -19.51
C TYR A 7 11.09 -16.70 -20.68
N TYR A 8 11.04 -17.77 -21.47
CA TYR A 8 10.19 -17.87 -22.68
C TYR A 8 9.17 -18.98 -22.44
N LEU A 9 7.89 -18.70 -22.67
CA LEU A 9 6.79 -19.69 -22.70
C LEU A 9 6.32 -19.82 -24.14
N GLN A 10 5.99 -21.04 -24.52
CA GLN A 10 5.28 -21.36 -25.77
C GLN A 10 3.84 -21.71 -25.38
N VAL A 11 2.86 -21.13 -26.07
CA VAL A 11 1.41 -21.31 -25.78
C VAL A 11 0.72 -21.74 -27.08
N ARG A 12 -0.08 -22.80 -27.01
CA ARG A 12 -0.98 -23.24 -28.11
C ARG A 12 -2.36 -22.62 -27.90
N GLY A 13 -2.84 -21.91 -28.92
CA GLY A 13 -4.23 -21.42 -29.00
C GLY A 13 -4.30 -19.95 -28.64
N ARG A 14 -4.94 -19.16 -29.51
CA ARG A 14 -5.00 -17.69 -29.41
C ARG A 14 -5.62 -17.33 -28.06
N LYS A 15 -6.69 -18.01 -27.65
CA LYS A 15 -7.44 -17.66 -26.43
C LYS A 15 -6.52 -17.91 -25.21
N ASN A 16 -5.64 -18.91 -25.27
CA ASN A 16 -4.68 -19.18 -24.18
C ASN A 16 -3.64 -18.07 -24.15
N PHE A 17 -3.16 -17.63 -25.32
CA PHE A 17 -2.20 -16.52 -25.43
C PHE A 17 -2.79 -15.25 -24.82
N GLU A 18 -4.01 -14.90 -25.18
CA GLU A 18 -4.71 -13.70 -24.67
C GLU A 18 -4.78 -13.75 -23.13
N ILE A 19 -5.23 -14.87 -22.56
CA ILE A 19 -5.37 -15.00 -21.08
C ILE A 19 -3.99 -14.81 -20.43
N LEU A 20 -2.98 -15.51 -20.94
CA LEU A 20 -1.62 -15.50 -20.34
C LEU A 20 -0.98 -14.13 -20.52
N MET A 21 -1.19 -13.46 -21.65
CA MET A 21 -0.62 -12.11 -21.89
C MET A 21 -1.22 -11.12 -20.88
N LYS A 22 -2.51 -11.24 -20.62
CA LYS A 22 -3.24 -10.39 -19.65
C LYS A 22 -2.61 -10.58 -18.26
N LEU A 23 -2.43 -11.82 -17.83
CA LEU A 23 -1.86 -12.12 -16.50
C LEU A 23 -0.40 -11.68 -16.48
N LYS A 24 0.35 -11.94 -17.54
CA LYS A 24 1.79 -11.60 -17.58
C LYS A 24 1.92 -10.09 -17.39
N GLU A 25 1.08 -9.34 -18.09
CA GLU A 25 1.10 -7.86 -18.06
C GLU A 25 0.82 -7.39 -16.64
N SER A 26 -0.20 -7.96 -16.00
CA SER A 26 -0.60 -7.61 -14.62
C SER A 26 0.56 -7.89 -13.64
N LEU A 27 1.28 -9.01 -13.81
CA LEU A 27 2.38 -9.39 -12.90
C LEU A 27 3.57 -8.44 -13.09
N GLU A 28 3.89 -8.09 -14.33
CA GLU A 28 5.04 -7.22 -14.63
C GLU A 28 4.71 -5.77 -14.23
N LEU A 29 3.51 -5.30 -14.52
CA LEU A 29 3.09 -3.91 -14.17
C LEU A 29 2.97 -3.77 -12.65
N MET A 30 2.55 -4.80 -11.95
CA MET A 30 2.40 -4.80 -10.48
C MET A 30 3.76 -4.47 -9.83
N GLU A 31 4.85 -4.83 -10.50
CA GLU A 31 6.23 -4.64 -10.00
C GLU A 31 6.59 -3.14 -9.95
N LEU A 32 5.86 -2.30 -10.68
CA LEU A 32 6.09 -0.83 -10.70
C LEU A 32 5.45 -0.19 -9.45
N VAL A 33 4.53 -0.91 -8.80
CA VAL A 33 3.75 -0.36 -7.67
C VAL A 33 4.66 -0.34 -6.43
N PRO A 34 4.87 0.83 -5.81
CA PRO A 34 5.70 0.91 -4.60
C PRO A 34 5.23 -0.07 -3.54
N GLN A 35 6.17 -0.68 -2.84
CA GLN A 35 5.89 -1.77 -1.87
C GLN A 35 4.88 -1.31 -0.82
N PRO A 36 4.94 -0.04 -0.34
CA PRO A 36 4.02 0.39 0.71
C PRO A 36 2.55 0.32 0.25
N LEU A 37 2.29 0.60 -1.03
CA LEU A 37 0.94 0.47 -1.61
C LEU A 37 0.58 -1.01 -1.74
N VAL A 38 1.53 -1.84 -2.16
CA VAL A 38 1.31 -3.31 -2.20
C VAL A 38 0.98 -3.81 -0.78
N ASP A 39 1.73 -3.40 0.23
CA ASP A 39 1.53 -3.89 1.62
C ASP A 39 0.21 -3.37 2.19
N SER A 40 -0.15 -2.14 1.84
CA SER A 40 -1.46 -1.51 2.20
C SER A 40 -2.59 -2.33 1.59
N TYR A 41 -2.48 -2.68 0.32
CA TYR A 41 -3.47 -3.54 -0.37
C TYR A 41 -3.58 -4.87 0.40
N ARG A 42 -2.45 -5.49 0.73
CA ARG A 42 -2.42 -6.80 1.45
C ARG A 42 -3.04 -6.68 2.84
N GLN A 43 -2.84 -5.55 3.53
CA GLN A 43 -3.54 -5.27 4.83
C GLN A 43 -5.05 -5.31 4.60
N GLN A 44 -5.50 -4.66 3.52
CA GLN A 44 -6.93 -4.56 3.17
C GLN A 44 -7.49 -5.97 2.91
N GLN A 45 -6.71 -6.81 2.22
CA GLN A 45 -7.10 -8.21 1.88
C GLN A 45 -7.26 -9.00 3.17
N GLN A 46 -6.29 -8.84 4.07
CA GLN A 46 -6.28 -9.49 5.41
C GLN A 46 -7.56 -9.10 6.17
N LEU A 47 -8.00 -7.84 6.05
CA LEU A 47 -9.21 -7.30 6.75
C LEU A 47 -10.48 -7.95 6.18
N LEU A 48 -10.54 -8.16 4.86
CA LEU A 48 -11.71 -8.74 4.16
C LEU A 48 -11.81 -10.25 4.46
N GLN A 49 -10.66 -10.95 4.54
CA GLN A 49 -10.58 -12.41 4.87
C GLN A 49 -10.06 -12.57 6.31
N ASP B 5 -20.69 -5.06 -8.31
CA ASP B 5 -19.37 -4.97 -9.01
C ASP B 5 -18.30 -5.78 -8.24
N THR B 6 -18.61 -6.25 -7.03
CA THR B 6 -17.82 -7.26 -6.27
C THR B 6 -18.47 -8.64 -6.42
N TYR B 7 -17.76 -9.55 -7.09
CA TYR B 7 -18.18 -10.96 -7.29
C TYR B 7 -17.34 -11.82 -6.34
N TYR B 8 -17.87 -12.99 -5.99
CA TYR B 8 -17.24 -13.96 -5.07
C TYR B 8 -16.90 -15.21 -5.83
N LEU B 9 -15.75 -15.79 -5.51
CA LEU B 9 -15.19 -16.96 -6.20
C LEU B 9 -14.92 -18.04 -5.16
N GLN B 10 -15.38 -19.26 -5.44
CA GLN B 10 -15.17 -20.45 -4.60
C GLN B 10 -13.97 -21.22 -5.16
N VAL B 11 -13.00 -21.59 -4.31
CA VAL B 11 -11.80 -22.37 -4.74
C VAL B 11 -11.53 -23.49 -3.75
N ARG B 12 -11.66 -24.73 -4.21
CA ARG B 12 -11.15 -25.95 -3.54
C ARG B 12 -9.70 -26.12 -3.98
N GLY B 13 -8.79 -26.25 -3.01
CA GLY B 13 -7.34 -26.36 -3.24
C GLY B 13 -6.61 -25.15 -2.69
N ARG B 14 -5.93 -25.32 -1.55
CA ARG B 14 -5.16 -24.25 -0.87
C ARG B 14 -4.14 -23.64 -1.83
N LYS B 15 -3.43 -24.50 -2.56
CA LYS B 15 -2.47 -24.14 -3.63
C LYS B 15 -3.19 -23.29 -4.70
N ASN B 16 -4.35 -23.72 -5.19
CA ASN B 16 -5.13 -23.02 -6.24
C ASN B 16 -5.60 -21.66 -5.69
N PHE B 17 -6.01 -21.61 -4.42
CA PHE B 17 -6.45 -20.36 -3.76
C PHE B 17 -5.31 -19.35 -3.79
N GLU B 18 -4.11 -19.77 -3.39
CA GLU B 18 -2.89 -18.93 -3.31
C GLU B 18 -2.55 -18.39 -4.70
N ILE B 19 -2.60 -19.24 -5.73
CA ILE B 19 -2.31 -18.80 -7.13
C ILE B 19 -3.34 -17.74 -7.54
N LEU B 20 -4.61 -18.02 -7.31
CA LEU B 20 -5.71 -17.11 -7.74
C LEU B 20 -5.63 -15.81 -6.95
N MET B 21 -5.24 -15.87 -5.68
CA MET B 21 -5.03 -14.66 -4.84
C MET B 21 -3.89 -13.80 -5.41
N LYS B 22 -2.78 -14.43 -5.82
CA LYS B 22 -1.65 -13.73 -6.46
C LYS B 22 -2.14 -12.99 -7.71
N LEU B 23 -2.92 -13.68 -8.54
CA LEU B 23 -3.37 -13.08 -9.83
C LEU B 23 -4.40 -12.00 -9.56
N LYS B 24 -5.33 -12.25 -8.63
CA LYS B 24 -6.29 -11.22 -8.17
C LYS B 24 -5.48 -9.97 -7.83
N GLU B 25 -4.44 -10.13 -7.01
CA GLU B 25 -3.62 -9.02 -6.50
C GLU B 25 -3.07 -8.25 -7.71
N SER B 26 -2.43 -8.97 -8.63
CA SER B 26 -1.75 -8.35 -9.80
C SER B 26 -2.78 -7.66 -10.70
N LEU B 27 -3.91 -8.33 -10.97
CA LEU B 27 -4.99 -7.75 -11.80
C LEU B 27 -5.47 -6.44 -11.15
N GLU B 28 -5.63 -6.40 -9.83
CA GLU B 28 -6.16 -5.19 -9.16
C GLU B 28 -5.07 -4.12 -9.10
N LEU B 29 -3.88 -4.44 -8.61
CA LEU B 29 -2.84 -3.42 -8.31
C LEU B 29 -2.33 -2.81 -9.62
N MET B 30 -2.46 -3.51 -10.75
CA MET B 30 -1.97 -3.01 -12.05
C MET B 30 -2.78 -1.78 -12.47
N GLU B 31 -4.02 -1.69 -11.97
CA GLU B 31 -4.93 -0.56 -12.26
C GLU B 31 -4.34 0.76 -11.74
N LEU B 32 -3.52 0.72 -10.68
CA LEU B 32 -2.92 1.93 -10.05
C LEU B 32 -1.88 2.55 -10.98
N VAL B 33 -1.33 1.77 -11.93
CA VAL B 33 -0.15 2.20 -12.73
C VAL B 33 -0.61 3.25 -13.73
N PRO B 34 0.07 4.41 -13.78
CA PRO B 34 -0.27 5.45 -14.76
C PRO B 34 -0.32 4.89 -16.19
N GLN B 35 -1.35 5.26 -16.94
CA GLN B 35 -1.57 4.82 -18.34
C GLN B 35 -0.29 4.99 -19.16
N PRO B 36 0.41 6.15 -19.09
CA PRO B 36 1.62 6.34 -19.88
C PRO B 36 2.64 5.19 -19.75
N LEU B 37 2.82 4.69 -18.52
CA LEU B 37 3.75 3.57 -18.22
C LEU B 37 3.17 2.26 -18.75
N VAL B 38 1.85 2.08 -18.66
CA VAL B 38 1.17 0.88 -19.23
C VAL B 38 1.40 0.90 -20.74
N ASP B 39 1.21 2.07 -21.35
CA ASP B 39 1.26 2.24 -22.83
C ASP B 39 2.69 2.02 -23.30
N SER B 40 3.64 2.71 -22.65
CA SER B 40 5.10 2.47 -22.81
C SER B 40 5.36 0.95 -22.79
N TYR B 41 4.89 0.27 -21.76
CA TYR B 41 5.15 -1.16 -21.51
C TYR B 41 4.57 -2.03 -22.64
N ARG B 42 3.39 -1.68 -23.14
CA ARG B 42 2.72 -2.44 -24.23
C ARG B 42 3.44 -2.20 -25.56
N GLN B 43 3.92 -0.98 -25.80
CA GLN B 43 4.70 -0.63 -27.01
C GLN B 43 6.01 -1.43 -27.00
N GLN B 44 6.49 -1.76 -25.80
CA GLN B 44 7.71 -2.59 -25.57
C GLN B 44 7.42 -4.06 -25.94
N GLN B 45 6.21 -4.56 -25.63
CA GLN B 45 5.81 -5.99 -25.83
C GLN B 45 5.92 -6.38 -27.30
N GLN B 46 5.83 -5.41 -28.22
CA GLN B 46 5.96 -5.63 -29.69
C GLN B 46 7.27 -6.35 -30.02
N LEU B 47 8.14 -6.59 -29.02
CA LEU B 47 9.38 -7.41 -29.14
C LEU B 47 9.11 -8.63 -30.05
N LEU B 48 8.10 -9.45 -29.73
CA LEU B 48 7.76 -10.72 -30.43
C LEU B 48 6.52 -10.52 -31.32
N GLY C 1 20.40 7.02 8.52
CA GLY C 1 19.67 6.13 9.48
C GLY C 1 20.30 6.16 10.86
N SER C 2 19.61 5.56 11.83
CA SER C 2 20.03 5.44 13.26
C SER C 2 19.59 4.08 13.79
N ASP C 3 20.31 3.56 14.79
CA ASP C 3 20.04 2.24 15.42
C ASP C 3 18.64 2.23 16.04
N LEU C 4 18.32 3.21 16.89
CA LEU C 4 17.02 3.29 17.61
C LEU C 4 15.90 3.53 16.59
N GLY C 5 16.20 4.29 15.53
CA GLY C 5 15.29 4.57 14.40
C GLY C 5 14.85 3.28 13.74
N LYS C 6 15.80 2.41 13.39
CA LYS C 6 15.53 1.08 12.82
C LYS C 6 14.70 0.23 13.79
N LYS C 7 15.02 0.22 15.08
CA LYS C 7 14.22 -0.54 16.07
C LYS C 7 12.80 0.05 16.13
N LEU C 8 12.65 1.37 15.99
CA LEU C 8 11.33 2.03 16.12
C LEU C 8 10.49 1.74 14.88
N LEU C 9 11.09 1.84 13.70
CA LEU C 9 10.46 1.41 12.43
C LEU C 9 9.91 -0.01 12.60
N GLU C 10 10.73 -0.93 13.09
CA GLU C 10 10.35 -2.37 13.25
C GLU C 10 9.22 -2.50 14.30
N ALA C 11 9.35 -1.87 15.46
CA ALA C 11 8.36 -1.96 16.57
C ALA C 11 7.00 -1.41 16.10
N ALA C 12 7.00 -0.23 15.50
CA ALA C 12 5.79 0.46 14.96
C ALA C 12 5.10 -0.41 13.92
N ALA C 13 5.87 -1.09 13.06
CA ALA C 13 5.38 -1.89 11.92
C ALA C 13 4.67 -3.15 12.44
N VAL C 14 5.28 -3.85 13.39
CA VAL C 14 4.78 -5.17 13.90
C VAL C 14 3.86 -4.95 15.11
N GLY C 15 3.79 -3.74 15.66
CA GLY C 15 2.76 -3.33 16.64
C GLY C 15 3.18 -3.56 18.09
N GLN C 16 4.48 -3.52 18.40
CA GLN C 16 5.01 -3.63 19.79
C GLN C 16 4.83 -2.28 20.50
N ASP C 17 3.66 -2.03 21.08
CA ASP C 17 3.29 -0.78 21.78
C ASP C 17 4.35 -0.41 22.84
N ASP C 18 4.77 -1.38 23.65
CA ASP C 18 5.68 -1.16 24.80
C ASP C 18 7.07 -0.79 24.28
N GLU C 19 7.58 -1.56 23.32
CA GLU C 19 8.91 -1.32 22.72
C GLU C 19 8.91 0.07 22.07
N VAL C 20 7.80 0.48 21.43
CA VAL C 20 7.61 1.83 20.84
C VAL C 20 7.81 2.88 21.95
N ARG C 21 7.08 2.76 23.06
CA ARG C 21 7.15 3.72 24.19
C ARG C 21 8.58 3.75 24.76
N ILE C 22 9.22 2.58 24.93
CA ILE C 22 10.62 2.50 25.45
C ILE C 22 11.51 3.30 24.51
N LEU C 23 11.39 3.06 23.20
CA LEU C 23 12.31 3.63 22.18
C LEU C 23 12.13 5.16 22.15
N MET C 24 10.89 5.63 22.21
CA MET C 24 10.56 7.07 22.21
C MET C 24 11.22 7.76 23.41
N ALA C 25 11.02 7.22 24.60
CA ALA C 25 11.57 7.75 25.87
C ALA C 25 13.10 7.76 25.79
N ASN C 26 13.68 6.93 24.93
CA ASN C 26 15.15 6.85 24.78
C ASN C 26 15.62 7.76 23.65
N GLY C 27 14.70 8.57 23.12
CA GLY C 27 14.97 9.54 22.02
C GLY C 27 15.12 8.86 20.67
N ALA C 28 14.45 7.73 20.44
CA ALA C 28 14.41 7.08 19.10
C ALA C 28 13.91 8.11 18.09
N ASP C 29 14.50 8.09 16.89
CA ASP C 29 14.20 9.07 15.82
C ASP C 29 12.76 8.83 15.35
N VAL C 30 11.82 9.65 15.79
CA VAL C 30 10.37 9.46 15.50
C VAL C 30 10.13 9.62 13.99
N ASN C 31 11.01 10.33 13.27
CA ASN C 31 10.88 10.54 11.80
C ASN C 31 11.96 9.72 11.07
N ALA C 32 12.39 8.60 11.65
CA ALA C 32 13.29 7.64 10.98
C ALA C 32 12.60 7.19 9.68
N MET C 33 13.39 6.80 8.70
CA MET C 33 12.88 6.39 7.36
C MET C 33 13.45 5.03 7.02
N ASP C 34 12.60 4.12 6.55
CA ASP C 34 13.04 2.82 5.98
C ASP C 34 13.41 3.07 4.51
N GLN C 35 13.73 2.02 3.78
CA GLN C 35 14.33 2.11 2.43
C GLN C 35 13.30 2.60 1.39
N ASN C 36 12.01 2.70 1.75
CA ASN C 36 10.97 3.25 0.83
C ASN C 36 10.57 4.65 1.27
N GLY C 37 11.16 5.16 2.34
CA GLY C 37 10.85 6.49 2.87
C GLY C 37 9.82 6.43 3.97
N GLU C 38 9.43 5.24 4.40
CA GLU C 38 8.36 5.07 5.41
C GLU C 38 8.91 5.51 6.77
N THR C 39 8.14 6.31 7.50
CA THR C 39 8.38 6.64 8.93
C THR C 39 7.64 5.65 9.79
N PRO C 40 7.94 5.58 11.11
CA PRO C 40 7.17 4.75 12.01
C PRO C 40 5.67 4.97 11.85
N LEU C 41 5.26 6.22 11.63
CA LEU C 41 3.84 6.59 11.51
C LEU C 41 3.27 5.96 10.23
N HIS C 42 3.99 6.02 9.11
CA HIS C 42 3.59 5.31 7.86
C HIS C 42 3.28 3.86 8.24
N LEU C 43 4.24 3.19 8.89
CA LEU C 43 4.15 1.73 9.09
C LEU C 43 3.01 1.40 10.06
N ALA C 44 2.88 2.12 11.16
CA ALA C 44 1.81 1.88 12.16
C ALA C 44 0.42 2.16 11.53
N ALA C 45 0.32 3.25 10.76
CA ALA C 45 -0.92 3.65 10.05
C ALA C 45 -1.31 2.56 9.07
N MET C 46 -0.36 2.14 8.23
CA MET C 46 -0.53 1.07 7.24
C MET C 46 -1.02 -0.21 7.91
N ASN C 47 -0.44 -0.58 9.04
CA ASN C 47 -0.62 -1.93 9.65
C ASN C 47 -1.72 -1.87 10.71
N GLY C 48 -2.40 -0.74 10.82
CA GLY C 48 -3.59 -0.58 11.68
C GLY C 48 -3.24 -0.63 13.15
N HIS C 49 -2.11 -0.05 13.56
CA HIS C 49 -1.66 -0.05 14.98
C HIS C 49 -2.00 1.31 15.59
N LEU C 50 -3.25 1.48 15.96
CA LEU C 50 -3.89 2.76 16.34
C LEU C 50 -3.19 3.37 17.56
N GLU C 51 -2.91 2.54 18.57
CA GLU C 51 -2.29 3.00 19.83
C GLU C 51 -0.92 3.60 19.49
N ILE C 52 -0.16 2.92 18.61
CA ILE C 52 1.21 3.35 18.22
C ILE C 52 1.10 4.64 17.40
N VAL C 53 0.07 4.72 16.55
CA VAL C 53 -0.21 5.93 15.73
C VAL C 53 -0.40 7.15 16.64
N GLU C 54 -1.22 7.03 17.69
CA GLU C 54 -1.51 8.14 18.63
C GLU C 54 -0.23 8.53 19.37
N VAL C 55 0.49 7.56 19.95
CA VAL C 55 1.79 7.74 20.65
C VAL C 55 2.73 8.57 19.76
N LEU C 56 2.90 8.15 18.50
CA LEU C 56 3.86 8.78 17.56
C LEU C 56 3.45 10.25 17.35
N LEU C 57 2.16 10.50 17.11
CA LEU C 57 1.68 11.88 16.84
C LEU C 57 1.89 12.77 18.07
N LYS C 58 1.75 12.23 19.28
CA LYS C 58 1.93 13.00 20.53
C LYS C 58 3.43 13.26 20.77
N THR C 59 4.33 12.49 20.13
CA THR C 59 5.79 12.56 20.40
C THR C 59 6.52 13.13 19.17
N GLY C 60 5.85 13.95 18.38
CA GLY C 60 6.50 14.77 17.33
C GLY C 60 6.52 14.14 15.94
N ALA C 61 5.78 13.06 15.68
CA ALA C 61 5.79 12.39 14.33
C ALA C 61 5.20 13.36 13.31
N ASP C 62 5.86 13.52 12.16
CA ASP C 62 5.32 14.35 11.05
C ASP C 62 4.09 13.65 10.48
N VAL C 63 2.92 14.26 10.61
CA VAL C 63 1.61 13.65 10.23
C VAL C 63 1.57 13.51 8.71
N ASN C 64 2.33 14.34 8.01
CA ASN C 64 2.29 14.47 6.53
C ASN C 64 3.66 14.13 5.96
N ALA C 65 4.44 13.33 6.69
CA ALA C 65 5.70 12.75 6.19
C ALA C 65 5.41 12.05 4.86
N SER C 66 6.31 12.29 3.92
CA SER C 66 6.22 11.88 2.51
C SER C 66 7.30 10.84 2.26
N ASP C 67 6.93 9.61 1.88
CA ASP C 67 7.91 8.54 1.57
C ASP C 67 8.46 8.78 0.16
N PHE C 68 9.29 7.88 -0.35
CA PHE C 68 10.01 8.05 -1.65
C PHE C 68 9.02 8.13 -2.81
N HIS C 69 7.76 7.69 -2.64
CA HIS C 69 6.72 7.75 -3.69
C HIS C 69 5.75 8.92 -3.42
N GLY C 70 6.03 9.74 -2.41
CA GLY C 70 5.18 10.88 -2.04
C GLY C 70 3.94 10.43 -1.29
N ASP C 71 3.87 9.19 -0.85
CA ASP C 71 2.75 8.70 -0.01
C ASP C 71 2.94 9.16 1.43
N THR C 72 1.85 9.61 2.04
CA THR C 72 1.73 10.03 3.45
C THR C 72 1.07 8.91 4.23
N PRO C 73 1.17 8.91 5.58
CA PRO C 73 0.48 7.94 6.40
C PRO C 73 -1.02 7.85 6.05
N LEU C 74 -1.62 8.96 5.62
CA LEU C 74 -3.07 9.01 5.29
C LEU C 74 -3.33 8.19 4.02
N HIS C 75 -2.45 8.29 3.02
CA HIS C 75 -2.52 7.44 1.80
C HIS C 75 -2.62 5.98 2.23
N LEU C 76 -1.68 5.52 3.06
CA LEU C 76 -1.54 4.09 3.36
C LEU C 76 -2.76 3.64 4.17
N ALA C 77 -3.14 4.38 5.22
CA ALA C 77 -4.25 4.02 6.11
C ALA C 77 -5.55 3.92 5.29
N ALA C 78 -5.73 4.87 4.37
CA ALA C 78 -6.94 5.01 3.53
C ALA C 78 -7.03 3.83 2.55
N MET C 79 -5.88 3.42 1.99
CA MET C 79 -5.77 2.28 1.06
C MET C 79 -5.98 0.97 1.83
N ALA C 80 -5.48 0.89 3.07
CA ALA C 80 -5.45 -0.36 3.87
C ALA C 80 -6.85 -0.66 4.44
N GLY C 81 -7.65 0.39 4.71
CA GLY C 81 -9.02 0.27 5.24
C GLY C 81 -9.11 0.45 6.75
N HIS C 82 -8.19 1.23 7.34
CA HIS C 82 -8.11 1.49 8.81
C HIS C 82 -8.82 2.82 9.11
N LEU C 83 -10.14 2.78 9.30
CA LEU C 83 -10.99 4.00 9.41
C LEU C 83 -10.57 4.81 10.64
N GLU C 84 -10.53 4.18 11.83
CA GLU C 84 -10.16 4.85 13.10
C GLU C 84 -8.84 5.61 12.92
N ILE C 85 -7.86 5.02 12.25
CA ILE C 85 -6.52 5.64 12.05
C ILE C 85 -6.65 6.84 11.11
N VAL C 86 -7.44 6.70 10.05
CA VAL C 86 -7.71 7.83 9.10
C VAL C 86 -8.21 9.04 9.91
N GLU C 87 -9.14 8.82 10.83
CA GLU C 87 -9.80 9.92 11.61
C GLU C 87 -8.73 10.60 12.49
N VAL C 88 -7.99 9.80 13.25
CA VAL C 88 -6.89 10.32 14.13
C VAL C 88 -5.92 11.16 13.28
N LEU C 89 -5.49 10.66 12.13
CA LEU C 89 -4.54 11.39 11.25
C LEU C 89 -5.15 12.74 10.87
N LEU C 90 -6.42 12.75 10.46
CA LEU C 90 -7.17 13.97 10.08
C LEU C 90 -7.18 14.96 11.24
N LYS C 91 -7.46 14.50 12.47
CA LYS C 91 -7.48 15.34 13.71
C LYS C 91 -6.14 16.07 13.89
N HIS C 92 -5.03 15.39 13.59
CA HIS C 92 -3.65 15.91 13.79
C HIS C 92 -3.16 16.60 12.50
N GLY C 93 -4.08 16.93 11.59
CA GLY C 93 -3.82 17.82 10.44
C GLY C 93 -3.25 17.09 9.24
N ALA C 94 -3.60 15.81 9.05
CA ALA C 94 -3.20 15.04 7.84
C ALA C 94 -3.75 15.77 6.61
N ASP C 95 -2.98 15.85 5.54
CA ASP C 95 -3.26 16.70 4.34
C ASP C 95 -4.00 15.86 3.28
N VAL C 96 -5.30 16.08 3.12
CA VAL C 96 -6.19 15.23 2.26
C VAL C 96 -5.93 15.56 0.78
N ASN C 97 -5.21 16.65 0.52
CA ASN C 97 -4.83 17.12 -0.83
C ASN C 97 -3.42 16.64 -1.18
N ALA C 98 -2.79 15.84 -0.31
CA ALA C 98 -1.43 15.30 -0.55
C ALA C 98 -1.50 14.31 -1.72
N GLN C 99 -0.76 14.62 -2.79
CA GLN C 99 -0.63 13.79 -4.02
C GLN C 99 0.71 13.05 -3.95
N ASP C 100 0.70 11.72 -4.13
CA ASP C 100 1.95 10.94 -4.34
C ASP C 100 2.42 11.22 -5.76
N THR C 101 3.57 10.68 -6.16
CA THR C 101 4.24 11.03 -7.44
C THR C 101 3.47 10.42 -8.62
N TRP C 102 2.43 9.61 -8.37
CA TRP C 102 1.48 9.12 -9.41
C TRP C 102 0.19 9.95 -9.37
N GLY C 103 0.14 11.00 -8.55
CA GLY C 103 -0.94 12.00 -8.56
C GLY C 103 -2.16 11.56 -7.75
N TYR C 104 -2.05 10.50 -6.96
CA TYR C 104 -3.15 10.01 -6.10
C TYR C 104 -3.18 10.82 -4.79
N ILE C 105 -4.38 11.24 -4.40
CA ILE C 105 -4.68 11.70 -3.01
C ILE C 105 -5.26 10.53 -2.24
N PRO C 106 -5.25 10.57 -0.90
CA PRO C 106 -5.78 9.46 -0.10
C PRO C 106 -7.16 8.97 -0.51
N PHE C 107 -8.10 9.88 -0.77
CA PHE C 107 -9.48 9.56 -1.23
C PHE C 107 -9.41 8.64 -2.45
N ASP C 108 -8.56 8.98 -3.44
CA ASP C 108 -8.40 8.21 -4.69
C ASP C 108 -8.14 6.74 -4.34
N LEU C 109 -7.18 6.48 -3.44
CA LEU C 109 -6.83 5.10 -3.03
C LEU C 109 -8.00 4.46 -2.27
N ALA C 110 -8.64 5.15 -1.34
CA ALA C 110 -9.80 4.62 -0.58
C ALA C 110 -10.91 4.25 -1.56
N ALA C 111 -11.21 5.15 -2.50
CA ALA C 111 -12.32 5.00 -3.47
C ALA C 111 -12.02 3.82 -4.39
N TRP C 112 -10.84 3.83 -5.03
CA TRP C 112 -10.34 2.70 -5.85
C TRP C 112 -10.43 1.39 -5.06
N ALA C 113 -10.05 1.39 -3.78
CA ALA C 113 -9.94 0.17 -2.94
C ALA C 113 -11.33 -0.34 -2.53
N GLY C 114 -12.35 0.52 -2.57
CA GLY C 114 -13.70 0.19 -2.08
C GLY C 114 -13.79 0.32 -0.58
N ASN C 115 -13.04 1.25 0.01
CA ASN C 115 -13.10 1.62 1.45
C ASN C 115 -14.07 2.79 1.58
N GLU C 116 -15.37 2.52 1.39
CA GLU C 116 -16.41 3.56 1.17
C GLU C 116 -16.52 4.47 2.39
N ASP C 117 -16.55 3.89 3.60
CA ASP C 117 -16.59 4.64 4.89
C ASP C 117 -15.46 5.69 4.92
N ILE C 118 -14.24 5.33 4.49
CA ILE C 118 -13.06 6.23 4.53
C ILE C 118 -13.15 7.26 3.39
N ALA C 119 -13.51 6.80 2.17
CA ALA C 119 -13.70 7.67 0.99
C ALA C 119 -14.61 8.86 1.37
N GLU C 120 -15.70 8.57 2.09
CA GLU C 120 -16.76 9.55 2.47
C GLU C 120 -16.18 10.57 3.46
N VAL C 121 -15.40 10.10 4.43
CA VAL C 121 -14.78 10.97 5.48
C VAL C 121 -13.80 11.92 4.79
N LEU C 122 -13.06 11.43 3.80
CA LEU C 122 -12.00 12.19 3.08
C LEU C 122 -12.65 13.23 2.16
N GLN C 123 -13.69 12.85 1.42
CA GLN C 123 -14.44 13.78 0.55
C GLN C 123 -14.98 14.93 1.42
N LYS C 124 -15.69 14.59 2.49
CA LYS C 124 -16.32 15.56 3.43
C LYS C 124 -15.25 16.47 4.05
N ALA C 125 -14.03 15.95 4.26
CA ALA C 125 -12.90 16.69 4.85
C ALA C 125 -12.17 17.54 3.78
N ALA C 126 -12.46 17.33 2.48
CA ALA C 126 -11.75 17.95 1.33
C ALA C 126 -11.39 19.41 1.65
CO CO D . -10.28 -13.99 -27.18
C1 GOL E . -2.91 0.48 -25.75
O1 GOL E . -2.55 0.78 -24.40
C2 GOL E . -2.12 1.29 -26.75
O2 GOL E . -2.55 2.64 -26.74
C3 GOL E . -0.63 1.22 -26.52
O3 GOL E . -0.08 0.01 -27.01
#